data_1DH3
#
_entry.id   1DH3
#
_cell.length_a   110.610
_cell.length_b   49.320
_cell.length_c   79.250
_cell.angle_alpha   90.00
_cell.angle_beta   122.18
_cell.angle_gamma   90.00
#
_symmetry.space_group_name_H-M   'C 1 2 1'
#
loop_
_entity.id
_entity.type
_entity.pdbx_description
1 polymer "DNA (5'-D(*CP*CP*TP*TP*GP*GP*CP*TP*GP*AP*CP*GP*TP*CP*AP*GP*CP*CP*AP*AP*G)-3')"
2 polymer 'TRANSCRIPTION FACTOR CREB'
3 non-polymer 'MAGNESIUM ION'
4 water water
#
loop_
_entity_poly.entity_id
_entity_poly.type
_entity_poly.pdbx_seq_one_letter_code
_entity_poly.pdbx_strand_id
1 'polydeoxyribonucleotide'
;(DC)(DC)(DT)(DT)(DG)(DG)(DC)(DT)(DG)(DA)(DC)(DG)(DT)(DC)(DA)(DG)(DC)(DC)(DA)(DA)
(DG)
;
B,D
2 'polypeptide(L)' KREVRLMKNREAARESRRKKKEYVKSLENRVAVLENQNKTLIEELKALKDLYSHK A,C
#
# COMPACT_ATOMS: atom_id res chain seq x y z
N LYS C 1 0.48 7.31 -40.62
CA LYS C 1 -0.96 7.17 -40.95
C LYS C 1 -1.88 6.58 -39.82
N ARG C 2 -3.13 7.11 -39.85
CA ARG C 2 -4.20 6.80 -38.91
C ARG C 2 -4.09 5.49 -38.31
N GLU C 3 -3.84 4.51 -39.15
CA GLU C 3 -3.66 3.20 -38.60
C GLU C 3 -2.45 3.19 -37.73
N VAL C 4 -1.28 3.17 -38.33
CA VAL C 4 0.03 3.16 -37.68
C VAL C 4 0.06 3.71 -36.28
N ARG C 5 -0.58 4.85 -36.11
CA ARG C 5 -0.61 5.47 -34.81
C ARG C 5 -1.33 4.61 -33.78
N LEU C 6 -2.60 4.34 -34.13
CA LEU C 6 -3.55 3.55 -33.40
C LEU C 6 -2.79 2.41 -32.80
N MET C 7 -2.18 1.73 -33.74
CA MET C 7 -1.38 0.63 -33.42
C MET C 7 -0.32 0.95 -32.36
N LYS C 8 0.38 2.05 -32.53
CA LYS C 8 1.39 2.43 -31.59
C LYS C 8 0.73 2.70 -30.33
N ASN C 9 -0.30 3.50 -30.44
CA ASN C 9 -1.07 3.89 -29.29
C ASN C 9 -1.53 2.68 -28.53
N ARG C 10 -2.10 1.74 -29.22
CA ARG C 10 -2.59 0.59 -28.56
C ARG C 10 -1.53 -0.07 -27.79
N GLU C 11 -0.30 -0.10 -28.25
CA GLU C 11 0.73 -0.76 -27.46
C GLU C 11 1.19 0.06 -26.27
N ALA C 12 0.73 1.29 -26.18
CA ALA C 12 1.17 2.09 -25.06
C ALA C 12 0.29 1.73 -23.90
N ALA C 13 -0.97 1.73 -24.26
CA ALA C 13 -2.03 1.44 -23.40
C ALA C 13 -1.75 0.08 -22.87
N ARG C 14 -1.07 -0.77 -23.58
CA ARG C 14 -0.86 -2.06 -23.01
C ARG C 14 0.14 -1.82 -21.90
N GLU C 15 1.38 -1.47 -22.24
CA GLU C 15 2.48 -1.23 -21.25
C GLU C 15 2.07 -0.50 -20.02
N SER C 16 1.23 0.50 -20.23
CA SER C 16 0.78 1.27 -19.15
C SER C 16 -0.14 0.46 -18.20
N ARG C 17 -1.14 -0.25 -18.75
CA ARG C 17 -2.10 -1.05 -18.01
C ARG C 17 -1.28 -1.90 -17.10
N ARG C 18 -0.13 -2.27 -17.60
CA ARG C 18 0.85 -3.09 -16.87
C ARG C 18 1.62 -2.32 -15.71
N LYS C 19 2.00 -1.06 -15.93
CA LYS C 19 2.70 -0.34 -14.89
C LYS C 19 1.72 -0.24 -13.72
N LYS C 20 0.44 -0.03 -14.00
CA LYS C 20 -0.57 0.11 -12.96
C LYS C 20 -0.48 -1.10 -12.16
N LYS C 21 -0.68 -2.21 -12.84
CA LYS C 21 -0.68 -3.53 -12.28
C LYS C 21 0.29 -3.70 -11.25
N GLU C 22 1.51 -3.60 -11.67
CA GLU C 22 2.58 -3.75 -10.74
C GLU C 22 2.45 -2.83 -9.58
N TYR C 23 2.15 -1.58 -9.88
CA TYR C 23 1.99 -0.59 -8.82
C TYR C 23 1.10 -1.06 -7.72
N VAL C 24 -0.07 -1.57 -8.10
CA VAL C 24 -0.90 -2.00 -7.03
C VAL C 24 -0.23 -3.12 -6.40
N LYS C 25 0.48 -3.92 -7.18
CA LYS C 25 1.18 -5.00 -6.46
C LYS C 25 2.10 -4.42 -5.41
N SER C 26 3.09 -3.66 -5.83
CA SER C 26 4.06 -2.99 -4.95
C SER C 26 3.46 -2.52 -3.65
N LEU C 27 2.33 -1.83 -3.78
CA LEU C 27 1.66 -1.33 -2.62
C LEU C 27 1.33 -2.44 -1.78
N GLU C 28 0.53 -3.35 -2.31
CA GLU C 28 0.06 -4.51 -1.60
C GLU C 28 1.24 -5.09 -0.85
N ASN C 29 2.41 -5.10 -1.47
CA ASN C 29 3.51 -5.66 -0.74
C ASN C 29 3.97 -4.90 0.46
N ARG C 30 4.63 -3.75 0.29
CA ARG C 30 5.12 -2.92 1.43
C ARG C 30 4.10 -2.80 2.47
N VAL C 31 2.85 -2.93 2.09
CA VAL C 31 1.80 -2.86 3.05
C VAL C 31 2.05 -3.96 3.99
N ALA C 32 2.58 -5.02 3.50
CA ALA C 32 2.71 -5.97 4.49
C ALA C 32 4.06 -5.94 5.00
N VAL C 33 4.95 -5.37 4.24
CA VAL C 33 6.31 -5.37 4.73
C VAL C 33 6.30 -4.52 5.96
N LEU C 34 5.49 -3.53 5.83
CA LEU C 34 5.40 -2.62 6.87
C LEU C 34 4.79 -3.22 8.02
N GLU C 35 3.69 -3.85 7.68
CA GLU C 35 2.87 -4.52 8.67
C GLU C 35 3.75 -5.36 9.56
N ASN C 36 4.80 -5.84 8.93
CA ASN C 36 5.69 -6.63 9.66
C ASN C 36 6.64 -6.05 10.59
N GLN C 37 7.54 -5.22 10.09
CA GLN C 37 8.59 -4.54 10.85
C GLN C 37 7.83 -3.94 12.01
N ASN C 38 6.62 -3.55 11.69
CA ASN C 38 5.77 -3.03 12.64
C ASN C 38 5.44 -3.86 13.91
N LYS C 39 5.06 -5.14 13.82
CA LYS C 39 4.74 -5.91 15.04
C LYS C 39 6.07 -5.91 15.77
N THR C 40 7.04 -6.52 15.11
CA THR C 40 8.38 -6.63 15.64
C THR C 40 8.96 -5.47 16.46
N LEU C 41 8.80 -4.27 15.98
CA LEU C 41 9.37 -3.22 16.75
C LEU C 41 8.65 -3.17 18.06
N ILE C 42 7.35 -3.24 17.94
CA ILE C 42 6.51 -3.20 19.10
C ILE C 42 6.89 -4.22 20.17
N GLU C 43 7.11 -5.47 19.75
CA GLU C 43 7.48 -6.57 20.65
C GLU C 43 8.75 -6.00 21.28
N GLU C 44 9.76 -5.76 20.41
CA GLU C 44 11.08 -5.20 20.74
C GLU C 44 10.89 -4.09 21.69
N LEU C 45 9.76 -3.46 21.59
CA LEU C 45 9.62 -2.41 22.48
C LEU C 45 9.24 -3.07 23.72
N LYS C 46 8.10 -3.74 23.61
CA LYS C 46 7.36 -4.53 24.65
C LYS C 46 8.40 -5.07 25.61
N ALA C 47 9.51 -5.48 25.05
CA ALA C 47 10.67 -6.02 25.77
C ALA C 47 11.21 -4.96 26.67
N LEU C 48 12.21 -4.31 26.15
CA LEU C 48 12.91 -3.25 26.85
C LEU C 48 12.19 -2.31 27.84
N LYS C 49 10.87 -2.10 27.77
CA LYS C 49 10.27 -1.17 28.76
C LYS C 49 10.12 -1.89 30.07
N ASP C 50 9.78 -3.15 29.86
CA ASP C 50 9.58 -4.00 30.98
C ASP C 50 10.81 -4.82 30.92
N LEU C 51 11.82 -4.16 31.49
CA LEU C 51 13.20 -4.64 31.61
C LEU C 51 13.95 -3.24 31.73
N TYR C 52 13.08 -2.28 31.99
CA TYR C 52 13.56 -0.89 32.12
C TYR C 52 13.55 -0.49 33.62
N SER C 53 14.55 0.37 33.92
CA SER C 53 14.77 0.91 35.25
C SER C 53 15.36 -0.10 36.23
N HIS C 54 15.19 -1.41 35.93
CA HIS C 54 15.71 -2.59 36.68
C HIS C 54 14.94 -3.82 36.51
N LYS C 55 13.47 -3.61 36.40
CA LYS C 55 12.32 -4.56 36.20
C LYS C 55 10.98 -3.33 35.86
N LYS D 1 -33.16 -6.84 -24.86
CA LYS D 1 -32.42 -7.35 -26.00
C LYS D 1 -31.00 -7.78 -25.66
N ARG D 2 -30.13 -7.55 -26.63
CA ARG D 2 -28.73 -7.84 -26.54
C ARG D 2 -28.50 -6.40 -26.10
N GLU D 3 -29.16 -5.44 -26.76
CA GLU D 3 -29.02 -4.03 -26.35
C GLU D 3 -29.23 -3.81 -24.81
N VAL D 4 -30.03 -4.65 -24.16
CA VAL D 4 -30.16 -4.37 -22.76
C VAL D 4 -28.94 -4.88 -22.07
N ARG D 5 -28.59 -6.14 -22.30
CA ARG D 5 -27.40 -6.69 -21.64
C ARG D 5 -26.20 -5.81 -21.80
N LEU D 6 -26.22 -5.12 -22.90
CA LEU D 6 -25.15 -4.28 -23.15
C LEU D 6 -25.16 -3.21 -22.12
N MET D 7 -26.22 -2.45 -22.02
CA MET D 7 -26.27 -1.37 -21.05
C MET D 7 -25.83 -1.67 -19.63
N LYS D 8 -26.36 -2.78 -19.13
CA LYS D 8 -26.07 -3.21 -17.78
C LYS D 8 -24.57 -3.37 -17.72
N ASN D 9 -24.03 -4.29 -18.51
CA ASN D 9 -22.60 -4.47 -18.52
C ASN D 9 -21.83 -3.14 -18.58
N ARG D 10 -22.39 -2.14 -19.26
CA ARG D 10 -21.75 -0.82 -19.38
C ARG D 10 -21.56 -0.33 -18.01
N GLU D 11 -22.72 0.01 -17.50
CA GLU D 11 -22.88 0.53 -16.16
C GLU D 11 -22.05 -0.21 -15.12
N ALA D 12 -22.10 -1.55 -15.24
CA ALA D 12 -21.41 -2.45 -14.35
C ALA D 12 -20.03 -1.98 -14.16
N ALA D 13 -19.36 -2.17 -15.26
CA ALA D 13 -18.01 -1.83 -15.43
C ALA D 13 -17.64 -0.52 -14.84
N ARG D 14 -18.57 0.41 -14.96
CA ARG D 14 -18.33 1.70 -14.44
C ARG D 14 -18.06 1.52 -13.01
N GLU D 15 -19.05 0.95 -12.32
CA GLU D 15 -18.95 0.72 -10.88
C GLU D 15 -17.74 0.06 -10.60
N SER D 16 -17.67 -1.01 -11.34
CA SER D 16 -16.57 -1.84 -11.22
C SER D 16 -15.29 -1.05 -11.32
N ARG D 17 -15.31 0.13 -11.91
CA ARG D 17 -14.06 0.85 -11.98
C ARG D 17 -13.82 1.65 -10.77
N ARG D 18 -14.88 2.29 -10.26
CA ARG D 18 -14.82 3.13 -9.05
C ARG D 18 -13.98 2.37 -7.98
N LYS D 19 -14.45 1.17 -7.70
CA LYS D 19 -13.90 0.26 -6.77
C LYS D 19 -12.43 0.27 -6.76
N LYS D 20 -11.84 -0.38 -7.78
CA LYS D 20 -10.38 -0.50 -7.93
C LYS D 20 -9.79 0.80 -7.56
N LYS D 21 -10.47 1.82 -8.01
CA LYS D 21 -9.96 3.11 -7.73
C LYS D 21 -9.85 3.33 -6.31
N GLU D 22 -10.95 3.05 -5.68
CA GLU D 22 -10.96 3.22 -4.29
C GLU D 22 -9.88 2.33 -3.66
N TYR D 23 -9.94 1.02 -3.84
CA TYR D 23 -8.94 0.20 -3.23
C TYR D 23 -7.53 0.57 -3.58
N VAL D 24 -7.32 1.51 -4.45
CA VAL D 24 -5.91 1.61 -4.53
C VAL D 24 -5.60 2.78 -3.68
N LYS D 25 -6.54 3.70 -3.64
CA LYS D 25 -6.37 4.90 -2.81
C LYS D 25 -6.00 4.53 -1.36
N SER D 26 -6.94 3.81 -0.83
CA SER D 26 -6.96 3.25 0.47
C SER D 26 -5.57 2.66 0.73
N LEU D 27 -5.11 1.84 -0.21
CA LEU D 27 -3.84 1.22 -0.03
C LEU D 27 -2.83 2.37 0.11
N GLU D 28 -2.94 3.30 -0.83
CA GLU D 28 -2.05 4.42 -0.83
C GLU D 28 -2.12 5.08 0.49
N ASN D 29 -3.21 4.94 1.23
CA ASN D 29 -3.18 5.63 2.51
C ASN D 29 -2.27 4.82 3.39
N ARG D 30 -2.86 3.74 3.86
CA ARG D 30 -2.31 2.77 4.71
C ARG D 30 -0.88 2.77 4.92
N VAL D 31 -0.28 2.69 3.79
CA VAL D 31 1.17 2.68 3.73
C VAL D 31 1.67 3.94 4.42
N ALA D 32 1.06 5.08 4.10
CA ALA D 32 1.43 6.33 4.66
C ALA D 32 1.36 6.15 6.12
N VAL D 33 0.22 5.75 6.55
CA VAL D 33 0.06 5.54 7.93
C VAL D 33 1.01 4.55 8.50
N LEU D 34 1.20 3.47 7.80
CA LEU D 34 2.08 2.50 8.34
C LEU D 34 3.37 3.15 8.41
N GLU D 35 3.69 3.90 7.39
CA GLU D 35 4.97 4.58 7.37
C GLU D 35 5.08 5.41 8.62
N ASN D 36 3.96 6.01 9.01
CA ASN D 36 4.02 6.79 10.20
C ASN D 36 4.50 6.03 11.33
N GLN D 37 3.64 5.12 11.76
CA GLN D 37 3.87 4.24 12.86
C GLN D 37 5.29 3.88 12.91
N ASN D 38 5.65 3.04 11.98
CA ASN D 38 6.98 2.56 11.83
C ASN D 38 7.97 3.66 11.99
N LYS D 39 7.62 4.88 11.76
CA LYS D 39 8.82 5.59 12.04
C LYS D 39 8.83 5.97 13.47
N THR D 40 7.67 6.41 13.93
CA THR D 40 7.58 6.84 15.31
C THR D 40 8.07 5.82 16.29
N LEU D 41 7.74 4.59 15.98
CA LEU D 41 8.15 3.52 16.84
C LEU D 41 9.65 3.59 16.93
N ILE D 42 10.30 3.61 15.80
CA ILE D 42 11.73 3.68 15.84
C ILE D 42 12.20 4.92 16.55
N GLU D 43 11.38 5.94 16.63
CA GLU D 43 12.03 6.99 17.35
C GLU D 43 11.92 6.57 18.84
N GLU D 44 10.78 5.95 19.17
CA GLU D 44 10.51 5.46 20.52
C GLU D 44 11.61 4.60 20.90
N LEU D 45 11.77 3.47 20.22
CA LEU D 45 12.85 2.53 20.52
C LEU D 45 14.15 3.20 20.64
N LYS D 46 14.25 4.41 20.16
CA LYS D 46 15.51 5.04 20.29
C LYS D 46 15.75 5.57 21.70
N ALA D 47 14.90 6.48 22.06
CA ALA D 47 14.97 7.10 23.34
C ALA D 47 15.08 6.06 24.52
N LEU D 48 14.30 4.99 24.47
CA LEU D 48 14.40 4.02 25.56
C LEU D 48 15.81 3.49 25.50
N LYS D 49 16.23 3.27 24.27
CA LYS D 49 17.57 2.77 24.06
C LYS D 49 18.47 3.76 24.68
N ASP D 50 18.06 5.00 24.60
CA ASP D 50 18.75 6.15 25.10
C ASP D 50 18.98 6.22 26.66
N LEU D 51 18.17 5.55 27.50
CA LEU D 51 18.48 5.60 28.92
C LEU D 51 18.68 4.09 29.45
N TYR D 52 19.84 3.42 29.09
CA TYR D 52 20.29 1.99 29.39
C TYR D 52 20.86 1.33 30.60
N SER D 53 20.09 0.41 31.21
CA SER D 53 20.48 -0.34 32.45
C SER D 53 20.14 0.80 33.55
N HIS D 54 19.83 2.04 33.08
CA HIS D 54 19.47 3.26 33.82
C HIS D 54 19.66 4.57 33.03
N LYS D 55 20.94 5.16 32.66
CA LYS D 55 21.37 6.51 31.77
C LYS D 55 22.07 5.51 30.46
#